data_7ZFG
#
_entry.id   7ZFG
#
_cell.length_a   65.830
_cell.length_b   65.830
_cell.length_c   264.920
_cell.angle_alpha   90.000
_cell.angle_beta   90.000
_cell.angle_gamma   120.000
#
_symmetry.space_group_name_H-M   'P 65 2 2'
#
loop_
_entity.id
_entity.type
_entity.pdbx_description
1 polymer 'Vitamin D3 receptor A'
2 polymer 'Nuclear receptor coactivator 1'
3 non-polymer 'ACETATE ION'
4 non-polymer (1R,3S,5Z)-4-methylidene-5-[(E)-9-methyl-3-[3-(6-methyl-6-oxidanyl-heptyl)phenyl]-9-oxidanyl-dec-2-enylidene]cyclohexane-1,3-diol
5 water water
#
loop_
_entity_poly.entity_id
_entity_poly.type
_entity_poly.pdbx_seq_one_letter_code
_entity_poly.pdbx_strand_id
1 'polypeptide(L)'
;GSHMLSDEQMQIINSLVEAHHKTYDDSYSDFVRFRPPVREGPVTRSASRAASLHSLSDASSDSFNHSPESVDTKLNFSNL
LMMYQDSGSPDSSEEDQQSRLSMLPHLADLVSYSIQKVIGFAKMIPGFRDLTAEDQIALLKSSAIEIIMLRSNQSFSLED
MSWSCGGPDFKYCINDVTKAGHTLELLEPLVKFQVGLKKLKLHEEEHVLLMAICLLSPDRPGVQDHVRIEALQDRLCDVL
QAYIRIQHPGGRLLYAKMIQKLADLRSLNEEHSKQYRSLSFQPEHSMQLTPLVLEVFGSEVS
;
A
2 'polypeptide(L)' RHKILHRLLQEGSPS B
#
# COMPACT_ATOMS: atom_id res chain seq x y z
N HIS A 3 6.74 7.35 -29.05
CA HIS A 3 6.57 8.79 -28.84
C HIS A 3 5.13 9.14 -28.45
N MET A 4 4.28 8.12 -28.33
CA MET A 4 2.87 8.34 -28.07
C MET A 4 2.26 7.08 -27.48
N LEU A 5 1.48 7.24 -26.42
CA LEU A 5 0.86 6.09 -25.77
C LEU A 5 -0.17 5.44 -26.69
N SER A 6 -0.20 4.12 -26.70
CA SER A 6 -1.21 3.42 -27.47
C SER A 6 -2.56 3.57 -26.80
N ASP A 7 -3.58 2.94 -27.36
CA ASP A 7 -4.90 3.00 -26.76
C ASP A 7 -5.03 2.03 -25.59
N GLU A 8 -4.53 0.80 -25.73
CA GLU A 8 -4.58 -0.13 -24.60
C GLU A 8 -3.75 0.38 -23.43
N GLN A 9 -2.62 1.03 -23.73
CA GLN A 9 -1.80 1.60 -22.66
C GLN A 9 -2.54 2.64 -21.87
N MET A 10 -3.45 3.37 -22.52
CA MET A 10 -4.19 4.40 -21.82
C MET A 10 -5.53 3.89 -21.29
N GLN A 11 -5.98 2.72 -21.72
CA GLN A 11 -7.06 2.06 -21.00
C GLN A 11 -6.58 1.60 -19.63
N ILE A 12 -5.44 0.91 -19.62
CA ILE A 12 -4.82 0.49 -18.36
C ILE A 12 -4.69 1.67 -17.41
N ILE A 13 -4.26 2.82 -17.92
CA ILE A 13 -4.18 4.01 -17.08
C ILE A 13 -5.56 4.41 -16.60
N ASN A 14 -6.54 4.41 -17.50
CA ASN A 14 -7.85 4.93 -17.14
C ASN A 14 -8.52 4.05 -16.08
N SER A 15 -8.46 2.73 -16.28
CA SER A 15 -9.10 1.85 -15.32
C SER A 15 -8.35 1.83 -13.99
N LEU A 16 -7.06 2.13 -14.00
CA LEU A 16 -6.32 2.21 -12.75
C LEU A 16 -6.60 3.49 -11.97
N VAL A 17 -6.83 4.60 -12.66
CA VAL A 17 -7.14 5.84 -11.95
C VAL A 17 -8.56 5.79 -11.40
N GLU A 18 -9.48 5.22 -12.16
CA GLU A 18 -10.83 4.98 -11.65
C GLU A 18 -10.78 4.12 -10.40
N ALA A 19 -10.01 3.03 -10.44
CA ALA A 19 -9.90 2.12 -9.32
C ALA A 19 -9.46 2.87 -8.07
N HIS A 20 -8.44 3.71 -8.19
CA HIS A 20 -7.94 4.43 -7.02
C HIS A 20 -8.95 5.44 -6.52
N HIS A 21 -9.66 6.11 -7.43
CA HIS A 21 -10.60 7.13 -6.99
C HIS A 21 -11.75 6.50 -6.23
N LYS A 22 -12.09 5.25 -6.55
CA LYS A 22 -13.17 4.59 -5.86
C LYS A 22 -12.75 4.08 -4.49
N THR A 23 -11.48 3.82 -4.28
CA THR A 23 -11.03 3.16 -3.06
C THR A 23 -10.18 4.08 -2.17
N TYR A 24 -10.15 5.37 -2.45
CA TYR A 24 -9.47 6.30 -1.57
C TYR A 24 -10.40 7.49 -1.37
N ASP A 25 -10.57 7.92 -0.13
CA ASP A 25 -11.49 9.01 0.20
C ASP A 25 -10.71 10.11 0.87
N ASP A 26 -10.54 11.23 0.17
CA ASP A 26 -9.79 12.35 0.70
C ASP A 26 -10.51 13.07 1.83
N SER A 27 -11.82 12.83 2.04
CA SER A 27 -12.49 13.40 3.21
C SER A 27 -12.13 12.67 4.49
N TYR A 28 -11.71 11.40 4.39
CA TYR A 28 -11.36 10.59 5.55
C TYR A 28 -12.49 10.56 6.57
N SER A 29 -13.73 10.72 6.09
CA SER A 29 -14.84 10.81 7.03
C SER A 29 -15.09 9.48 7.74
N ASP A 30 -14.77 8.36 7.09
CA ASP A 30 -14.88 7.04 7.70
C ASP A 30 -13.90 6.82 8.85
N PHE A 31 -13.02 7.78 9.11
CA PHE A 31 -12.08 7.58 10.20
C PHE A 31 -12.77 7.69 11.57
N VAL A 32 -13.96 8.26 11.61
CA VAL A 32 -14.66 8.45 12.88
C VAL A 32 -15.39 7.19 13.33
N ARG A 33 -15.28 6.11 12.56
CA ARG A 33 -15.86 4.83 12.95
C ARG A 33 -14.82 3.88 13.50
N PHE A 34 -13.56 4.28 13.53
CA PHE A 34 -12.55 3.49 14.21
C PHE A 34 -12.64 3.72 15.71
N ARG A 35 -12.00 2.84 16.46
CA ARG A 35 -11.76 3.11 17.86
C ARG A 35 -10.91 4.37 17.95
N PRO A 36 -11.29 5.34 18.77
CA PRO A 36 -10.60 6.63 18.74
C PRO A 36 -9.15 6.48 19.14
N PRO A 37 -8.28 7.38 18.66
CA PRO A 37 -6.88 7.39 19.13
C PRO A 37 -6.79 7.96 20.53
N VAL A 38 -5.88 7.41 21.32
CA VAL A 38 -5.60 7.93 22.66
C VAL A 38 -4.12 8.29 22.74
N ARG A 39 -3.84 9.49 23.22
CA ARG A 39 -2.46 9.98 23.33
C ARG A 39 -2.20 10.53 24.74
N LEU A 101 -0.06 0.51 25.18
CA LEU A 101 -0.11 0.73 23.73
C LEU A 101 -1.40 1.41 23.33
N SER A 102 -1.52 2.68 23.72
CA SER A 102 -2.79 3.39 23.64
C SER A 102 -3.18 3.73 22.20
N MET A 103 -2.24 3.77 21.27
CA MET A 103 -2.57 4.04 19.88
C MET A 103 -2.86 2.78 19.08
N LEU A 104 -2.55 1.60 19.62
CA LEU A 104 -2.73 0.34 18.89
C LEU A 104 -4.14 0.12 18.39
N PRO A 105 -5.20 0.31 19.18
CA PRO A 105 -6.53 0.00 18.66
C PRO A 105 -6.94 0.88 17.49
N HIS A 106 -6.58 2.16 17.50
CA HIS A 106 -6.92 3.01 16.38
C HIS A 106 -6.07 2.69 15.15
N LEU A 107 -4.82 2.25 15.32
CA LEU A 107 -3.99 1.92 14.16
C LEU A 107 -4.45 0.62 13.51
N ALA A 108 -4.74 -0.40 14.33
CA ALA A 108 -5.26 -1.65 13.80
C ALA A 108 -6.49 -1.38 12.95
N ASP A 109 -7.43 -0.59 13.50
CA ASP A 109 -8.62 -0.23 12.74
C ASP A 109 -8.26 0.50 11.45
N LEU A 110 -7.35 1.48 11.53
CA LEU A 110 -6.94 2.22 10.33
C LEU A 110 -6.38 1.27 9.28
N VAL A 111 -5.45 0.41 9.70
CA VAL A 111 -4.81 -0.51 8.77
C VAL A 111 -5.82 -1.54 8.25
N SER A 112 -6.69 -2.04 9.13
CA SER A 112 -7.68 -3.02 8.67
C SER A 112 -8.60 -2.42 7.61
N TYR A 113 -9.02 -1.18 7.81
CA TYR A 113 -9.83 -0.50 6.81
C TYR A 113 -9.05 -0.35 5.50
N SER A 114 -7.78 0.04 5.60
CA SER A 114 -6.96 0.26 4.41
C SER A 114 -6.76 -1.03 3.61
N ILE A 115 -6.49 -2.14 4.29
CA ILE A 115 -6.44 -3.43 3.62
C ILE A 115 -7.70 -3.67 2.79
N GLN A 116 -8.86 -3.26 3.29
CA GLN A 116 -10.06 -3.49 2.51
C GLN A 116 -10.08 -2.65 1.25
N LYS A 117 -9.50 -1.45 1.33
CA LYS A 117 -9.39 -0.61 0.16
C LYS A 117 -8.49 -1.25 -0.89
N VAL A 118 -7.29 -1.68 -0.45
CA VAL A 118 -6.30 -2.30 -1.32
C VAL A 118 -6.88 -3.49 -2.06
N ILE A 119 -7.65 -4.32 -1.37
CA ILE A 119 -8.34 -5.44 -2.03
C ILE A 119 -9.32 -4.92 -3.06
N GLY A 120 -10.04 -3.83 -2.74
CA GLY A 120 -10.95 -3.26 -3.71
C GLY A 120 -10.22 -2.72 -4.92
N PHE A 121 -9.08 -2.08 -4.69
CA PHE A 121 -8.26 -1.57 -5.76
C PHE A 121 -7.70 -2.70 -6.61
N ALA A 122 -7.15 -3.72 -5.94
CA ALA A 122 -6.55 -4.85 -6.64
C ALA A 122 -7.55 -5.50 -7.59
N LYS A 123 -8.80 -5.62 -7.17
CA LYS A 123 -9.81 -6.30 -7.98
C LYS A 123 -10.11 -5.57 -9.27
N MET A 124 -9.73 -4.29 -9.36
CA MET A 124 -10.01 -3.50 -10.54
C MET A 124 -8.78 -3.33 -11.42
N ILE A 125 -7.68 -3.94 -11.06
CA ILE A 125 -6.51 -3.94 -11.93
C ILE A 125 -6.76 -4.92 -13.08
N PRO A 126 -6.65 -4.48 -14.34
CA PRO A 126 -6.83 -5.39 -15.48
C PRO A 126 -6.17 -6.74 -15.31
N GLY A 127 -6.97 -7.79 -15.15
CA GLY A 127 -6.48 -9.15 -15.12
C GLY A 127 -5.95 -9.62 -13.78
N PHE A 128 -6.03 -8.80 -12.72
CA PHE A 128 -5.78 -9.34 -11.40
C PHE A 128 -6.85 -10.35 -11.04
N ARG A 129 -8.09 -10.06 -11.41
CA ARG A 129 -9.20 -10.93 -11.05
C ARG A 129 -9.05 -12.29 -11.71
N ASP A 130 -8.39 -12.35 -12.85
CA ASP A 130 -8.30 -13.60 -13.59
C ASP A 130 -7.21 -14.52 -13.05
N LEU A 131 -6.42 -14.09 -12.07
CA LEU A 131 -5.54 -15.04 -11.41
C LEU A 131 -6.37 -16.00 -10.56
N THR A 132 -5.77 -17.13 -10.23
CA THR A 132 -6.38 -17.99 -9.22
C THR A 132 -6.53 -17.25 -7.91
N ALA A 133 -7.54 -17.66 -7.11
CA ALA A 133 -7.76 -17.00 -5.84
C ALA A 133 -6.56 -17.15 -4.92
N GLU A 134 -5.78 -18.21 -5.13
CA GLU A 134 -4.61 -18.42 -4.30
C GLU A 134 -3.52 -17.41 -4.63
N ASP A 135 -3.25 -17.21 -5.92
CA ASP A 135 -2.27 -16.19 -6.31
C ASP A 135 -2.70 -14.80 -5.84
N GLN A 136 -4.01 -14.51 -5.88
CA GLN A 136 -4.45 -13.20 -5.40
C GLN A 136 -4.19 -13.05 -3.91
N ILE A 137 -4.40 -14.12 -3.14
CA ILE A 137 -4.18 -14.04 -1.70
C ILE A 137 -2.70 -13.88 -1.40
N ALA A 138 -1.86 -14.64 -2.10
CA ALA A 138 -0.41 -14.56 -1.90
C ALA A 138 0.12 -13.17 -2.19
N LEU A 139 -0.32 -12.57 -3.30
CA LEU A 139 0.09 -11.20 -3.62
C LEU A 139 -0.34 -10.23 -2.55
N LEU A 140 -1.60 -10.35 -2.11
CA LEU A 140 -2.12 -9.40 -1.12
C LEU A 140 -1.43 -9.57 0.23
N LYS A 141 -1.20 -10.81 0.65
CA LYS A 141 -0.56 -11.03 1.94
C LYS A 141 0.86 -10.45 1.97
N SER A 142 1.63 -10.65 0.91
CA SER A 142 2.97 -10.08 0.92
C SER A 142 2.99 -8.58 0.64
N SER A 143 2.08 -8.05 -0.19
CA SER A 143 2.28 -6.69 -0.67
C SER A 143 1.37 -5.67 -0.01
N ALA A 144 0.48 -6.10 0.89
CA ALA A 144 -0.50 -5.17 1.44
C ALA A 144 0.17 -4.02 2.17
N ILE A 145 1.18 -4.31 2.99
CA ILE A 145 1.77 -3.25 3.80
C ILE A 145 2.53 -2.26 2.92
N GLU A 146 3.18 -2.76 1.87
CA GLU A 146 3.84 -1.87 0.92
C GLU A 146 2.83 -0.94 0.26
N ILE A 147 1.67 -1.48 -0.13
CA ILE A 147 0.67 -0.64 -0.79
C ILE A 147 0.08 0.37 0.17
N ILE A 148 -0.05 0.02 1.45
CA ILE A 148 -0.56 1.00 2.40
C ILE A 148 0.46 2.11 2.62
N MET A 149 1.73 1.75 2.77
CA MET A 149 2.79 2.74 2.82
C MET A 149 2.75 3.65 1.60
N LEU A 150 2.46 3.07 0.43
CA LEU A 150 2.44 3.82 -0.81
C LEU A 150 1.31 4.83 -0.83
N ARG A 151 0.08 4.37 -0.61
CA ARG A 151 -1.08 5.26 -0.72
C ARG A 151 -1.13 6.29 0.38
N SER A 152 -0.47 6.04 1.52
CA SER A 152 -0.45 7.01 2.60
C SER A 152 0.31 8.27 2.23
N ASN A 153 1.10 8.22 1.14
CA ASN A 153 1.76 9.44 0.66
C ASN A 153 0.74 10.52 0.33
N GLN A 154 -0.45 10.14 -0.15
CA GLN A 154 -1.52 11.10 -0.39
C GLN A 154 -1.92 11.90 0.86
N SER A 155 -1.70 11.38 2.08
CA SER A 155 -2.00 12.16 3.28
C SER A 155 -0.77 12.66 4.02
N PHE A 156 0.43 12.35 3.55
CA PHE A 156 1.66 12.77 4.21
C PHE A 156 2.02 14.19 3.75
N SER A 157 2.26 15.08 4.71
CA SER A 157 2.57 16.47 4.41
C SER A 157 4.03 16.77 4.73
N LEU A 158 4.65 17.55 3.85
CA LEU A 158 6.05 17.92 4.05
C LEU A 158 6.20 19.01 5.10
N GLU A 159 5.27 19.97 5.13
CA GLU A 159 5.34 21.03 6.14
C GLU A 159 5.15 20.49 7.54
N ASP A 160 4.30 19.47 7.71
CA ASP A 160 4.06 18.89 9.01
C ASP A 160 5.05 17.79 9.36
N MET A 161 5.56 17.05 8.36
CA MET A 161 6.28 15.80 8.56
C MET A 161 5.41 14.74 9.22
N SER A 162 4.10 14.87 9.06
CA SER A 162 3.16 13.92 9.63
C SER A 162 2.15 13.53 8.56
N TRP A 163 1.30 12.58 8.90
CA TRP A 163 0.12 12.28 8.10
C TRP A 163 -1.07 13.06 8.67
N SER A 164 -1.95 13.51 7.78
CA SER A 164 -3.04 14.40 8.19
C SER A 164 -4.33 13.93 7.51
N CYS A 165 -5.21 13.29 8.29
CA CYS A 165 -6.44 12.71 7.74
C CYS A 165 -7.67 13.17 8.50
N GLY A 166 -7.71 14.43 8.93
CA GLY A 166 -8.93 14.90 9.56
C GLY A 166 -8.75 16.20 10.31
N GLY A 167 -9.22 16.25 11.55
CA GLY A 167 -8.90 17.35 12.42
C GLY A 167 -7.52 17.17 13.01
N PRO A 168 -7.33 17.59 14.26
CA PRO A 168 -6.10 17.28 14.97
C PRO A 168 -6.03 15.84 15.49
N ASP A 169 -7.17 15.14 15.59
CA ASP A 169 -7.14 13.81 16.18
C ASP A 169 -6.63 12.76 15.20
N PHE A 170 -6.97 12.89 13.91
CA PHE A 170 -6.42 12.03 12.87
C PHE A 170 -5.12 12.57 12.28
N LYS A 171 -4.33 13.27 13.09
CA LYS A 171 -2.99 13.69 12.71
C LYS A 171 -2.01 12.79 13.45
N TYR A 172 -1.28 11.98 12.70
CA TYR A 172 -0.38 10.98 13.25
C TYR A 172 1.05 11.44 13.06
N CYS A 173 1.85 11.39 14.11
CA CYS A 173 3.01 12.27 14.15
C CYS A 173 4.37 11.61 14.18
N ILE A 174 4.48 10.36 14.65
CA ILE A 174 5.67 9.53 14.87
C ILE A 174 6.04 9.54 16.34
N ASN A 175 5.85 10.65 17.05
CA ASN A 175 6.12 10.56 18.48
C ASN A 175 5.14 9.63 19.18
N ASP A 176 4.05 9.24 18.52
CA ASP A 176 3.20 8.18 19.02
C ASP A 176 3.68 6.80 18.63
N VAL A 177 4.89 6.67 18.04
CA VAL A 177 5.30 5.39 17.48
C VAL A 177 5.22 4.29 18.54
N THR A 178 5.86 4.52 19.68
CA THR A 178 5.89 3.56 20.76
C THR A 178 4.51 3.33 21.36
N LYS A 179 3.55 4.20 21.06
CA LYS A 179 2.20 4.05 21.59
C LYS A 179 1.38 3.05 20.76
N ALA A 180 1.78 2.78 19.54
CA ALA A 180 1.15 1.75 18.74
C ALA A 180 1.98 0.48 18.71
N GLY A 181 3.03 0.40 19.53
CA GLY A 181 3.80 -0.81 19.62
C GLY A 181 4.83 -1.00 18.55
N HIS A 182 5.36 0.10 17.98
CA HIS A 182 6.44 0.07 17.01
C HIS A 182 7.57 0.97 17.49
N THR A 183 8.70 0.90 16.79
CA THR A 183 9.91 1.62 17.16
C THR A 183 10.38 2.50 16.01
N LEU A 184 11.33 3.38 16.33
CA LEU A 184 11.91 4.25 15.31
C LEU A 184 12.61 3.44 14.24
N GLU A 185 13.06 2.23 14.56
CA GLU A 185 13.68 1.37 13.55
C GLU A 185 12.76 1.16 12.36
N LEU A 186 11.45 1.30 12.55
CA LEU A 186 10.50 1.29 11.45
C LEU A 186 10.14 2.71 11.00
N LEU A 187 9.87 3.61 11.93
CA LEU A 187 9.35 4.91 11.51
C LEU A 187 10.44 5.90 11.08
N GLU A 188 11.71 5.65 11.40
CA GLU A 188 12.75 6.48 10.80
C GLU A 188 12.83 6.24 9.30
N PRO A 189 13.05 5.02 8.81
CA PRO A 189 13.04 4.81 7.35
C PRO A 189 11.70 5.10 6.71
N LEU A 190 10.58 4.81 7.37
CA LEU A 190 9.29 5.05 6.73
C LEU A 190 9.12 6.53 6.41
N VAL A 191 9.36 7.39 7.38
CA VAL A 191 9.23 8.83 7.15
C VAL A 191 10.19 9.26 6.05
N LYS A 192 11.43 8.78 6.14
CA LYS A 192 12.43 9.10 5.12
C LYS A 192 11.94 8.67 3.74
N PHE A 193 11.46 7.43 3.63
CA PHE A 193 10.78 6.99 2.43
C PHE A 193 9.68 7.97 1.99
N GLN A 194 8.84 8.39 2.95
CA GLN A 194 7.68 9.20 2.59
C GLN A 194 8.09 10.58 2.05
N VAL A 195 9.20 11.14 2.54
CA VAL A 195 9.60 12.42 1.97
C VAL A 195 10.31 12.20 0.66
N GLY A 196 11.06 11.11 0.52
CA GLY A 196 11.60 10.71 -0.75
C GLY A 196 10.51 10.67 -1.80
N LEU A 197 9.47 9.87 -1.54
CA LEU A 197 8.37 9.73 -2.48
C LEU A 197 7.66 11.05 -2.75
N LYS A 198 7.55 11.91 -1.74
CA LYS A 198 6.91 13.19 -1.97
C LYS A 198 7.73 14.07 -2.90
N LYS A 199 9.07 14.01 -2.78
CA LYS A 199 9.91 14.84 -3.64
C LYS A 199 9.76 14.46 -5.11
N LEU A 200 9.45 13.20 -5.41
CA LEU A 200 9.23 12.80 -6.80
C LEU A 200 8.07 13.54 -7.43
N LYS A 201 7.18 14.13 -6.63
CA LYS A 201 6.05 14.93 -7.10
C LYS A 201 5.33 14.23 -8.26
N LEU A 202 4.73 13.09 -7.92
CA LEU A 202 4.18 12.20 -8.94
C LEU A 202 2.81 12.66 -9.41
N HIS A 203 2.60 12.58 -10.73
CA HIS A 203 1.24 12.60 -11.25
C HIS A 203 0.48 11.43 -10.63
N GLU A 204 -0.84 11.57 -10.50
CA GLU A 204 -1.57 10.46 -9.93
C GLU A 204 -1.54 9.24 -10.83
N GLU A 205 -1.32 9.44 -12.14
CA GLU A 205 -1.12 8.30 -13.04
C GLU A 205 0.08 7.48 -12.61
N GLU A 206 1.18 8.15 -12.24
CA GLU A 206 2.38 7.43 -11.87
C GLU A 206 2.22 6.78 -10.51
N HIS A 207 1.56 7.48 -9.60
CA HIS A 207 1.32 6.98 -8.25
C HIS A 207 0.45 5.74 -8.29
N VAL A 208 -0.59 5.77 -9.11
CA VAL A 208 -1.45 4.61 -9.29
C VAL A 208 -0.68 3.47 -9.96
N LEU A 209 0.20 3.80 -10.91
CA LEU A 209 0.96 2.78 -11.62
C LEU A 209 1.93 2.07 -10.70
N LEU A 210 2.53 2.79 -9.75
CA LEU A 210 3.48 2.14 -8.85
C LEU A 210 2.78 1.15 -7.91
N MET A 211 1.56 1.46 -7.46
CA MET A 211 0.86 0.52 -6.59
C MET A 211 0.57 -0.76 -7.34
N ALA A 212 0.07 -0.64 -8.58
CA ALA A 212 -0.22 -1.83 -9.36
C ALA A 212 1.05 -2.62 -9.65
N ILE A 213 2.17 -1.93 -9.87
CA ILE A 213 3.40 -2.67 -10.11
C ILE A 213 3.88 -3.34 -8.82
N CYS A 214 3.74 -2.64 -7.69
CA CYS A 214 4.11 -3.20 -6.41
C CYS A 214 3.30 -4.45 -6.11
N LEU A 215 1.98 -4.35 -6.27
CA LEU A 215 1.10 -5.48 -6.04
C LEU A 215 1.44 -6.66 -6.94
N LEU A 216 1.68 -6.39 -8.22
CA LEU A 216 1.98 -7.41 -9.21
C LEU A 216 3.45 -7.83 -9.25
N SER A 217 4.10 -8.04 -8.11
CA SER A 217 5.47 -8.53 -8.13
C SER A 217 5.49 -10.04 -8.13
N PRO A 218 6.11 -10.69 -9.13
CA PRO A 218 6.19 -12.15 -9.09
C PRO A 218 7.13 -12.67 -8.01
N ASP A 219 8.05 -11.84 -7.52
CA ASP A 219 8.99 -12.25 -6.48
C ASP A 219 8.39 -12.04 -5.09
N ARG A 220 7.26 -12.70 -4.86
CA ARG A 220 6.73 -12.69 -3.51
C ARG A 220 6.55 -14.12 -3.02
N PRO A 221 6.74 -14.36 -1.73
CA PRO A 221 6.44 -15.70 -1.20
C PRO A 221 4.99 -16.08 -1.47
N GLY A 222 4.80 -17.32 -1.91
CA GLY A 222 3.49 -17.85 -2.16
C GLY A 222 3.09 -17.89 -3.63
N VAL A 223 3.65 -17.00 -4.46
CA VAL A 223 3.22 -16.98 -5.84
C VAL A 223 3.55 -18.31 -6.49
N GLN A 224 2.68 -18.76 -7.37
CA GLN A 224 2.89 -19.99 -8.09
C GLN A 224 3.01 -19.79 -9.58
N ASP A 225 2.28 -18.83 -10.14
CA ASP A 225 2.29 -18.54 -11.56
C ASP A 225 3.09 -17.26 -11.79
N HIS A 226 4.39 -17.33 -11.51
CA HIS A 226 5.20 -16.14 -11.61
C HIS A 226 5.70 -15.87 -13.03
N VAL A 227 5.25 -16.64 -14.02
CA VAL A 227 5.33 -16.16 -15.40
C VAL A 227 4.21 -15.17 -15.67
N ARG A 228 2.96 -15.63 -15.59
CA ARG A 228 1.83 -14.78 -15.93
C ARG A 228 1.88 -13.45 -15.21
N ILE A 229 2.14 -13.47 -13.89
CA ILE A 229 2.12 -12.21 -13.18
C ILE A 229 3.35 -11.36 -13.47
N GLU A 230 4.44 -11.96 -13.95
CA GLU A 230 5.55 -11.14 -14.43
C GLU A 230 5.18 -10.46 -15.74
N ALA A 231 4.42 -11.15 -16.60
CA ALA A 231 3.95 -10.52 -17.82
C ALA A 231 3.12 -9.28 -17.52
N LEU A 232 2.13 -9.43 -16.62
CA LEU A 232 1.32 -8.30 -16.20
C LEU A 232 2.19 -7.17 -15.67
N GLN A 233 3.11 -7.49 -14.76
CA GLN A 233 3.96 -6.45 -14.22
C GLN A 233 4.77 -5.78 -15.32
N ASP A 234 5.19 -6.56 -16.32
CA ASP A 234 5.89 -5.99 -17.47
C ASP A 234 5.00 -5.03 -18.23
N ARG A 235 3.76 -5.45 -18.53
CA ARG A 235 2.86 -4.56 -19.24
C ARG A 235 2.61 -3.27 -18.47
N LEU A 236 2.71 -3.30 -17.15
CA LEU A 236 2.49 -2.08 -16.38
C LEU A 236 3.70 -1.16 -16.41
N CYS A 237 4.91 -1.71 -16.40
CA CYS A 237 6.11 -0.89 -16.49
C CYS A 237 6.24 -0.25 -17.88
N ASP A 238 5.88 -0.98 -18.94
CA ASP A 238 5.93 -0.37 -20.26
C ASP A 238 5.06 0.86 -20.33
N VAL A 239 3.89 0.81 -19.66
CA VAL A 239 3.03 1.98 -19.58
C VAL A 239 3.70 3.09 -18.79
N LEU A 240 4.16 2.77 -17.58
CA LEU A 240 4.78 3.79 -16.74
C LEU A 240 6.03 4.38 -17.41
N GLN A 241 6.85 3.52 -17.99
CA GLN A 241 8.00 3.99 -18.75
C GLN A 241 7.55 4.99 -19.81
N ALA A 242 6.54 4.61 -20.58
CA ALA A 242 6.06 5.45 -21.68
C ALA A 242 5.37 6.70 -21.17
N TYR A 243 4.55 6.58 -20.12
CA TYR A 243 3.88 7.75 -19.56
C TYR A 243 4.88 8.84 -19.20
N ILE A 244 5.97 8.46 -18.54
CA ILE A 244 6.97 9.44 -18.15
C ILE A 244 7.58 10.07 -19.39
N ARG A 245 7.95 9.26 -20.38
CA ARG A 245 8.56 9.79 -21.60
C ARG A 245 7.66 10.82 -22.26
N ILE A 246 6.36 10.54 -22.37
CA ILE A 246 5.50 11.35 -23.21
C ILE A 246 4.84 12.46 -22.41
N GLN A 247 4.48 12.18 -21.15
CA GLN A 247 3.61 13.05 -20.40
C GLN A 247 4.26 13.75 -19.23
N HIS A 248 5.43 13.30 -18.77
CA HIS A 248 6.01 13.96 -17.62
C HIS A 248 7.13 14.88 -18.08
N PRO A 249 6.94 16.19 -18.03
CA PRO A 249 8.05 17.11 -18.35
C PRO A 249 9.20 16.91 -17.38
N GLY A 250 10.41 16.85 -17.92
CA GLY A 250 11.56 16.59 -17.09
C GLY A 250 11.59 15.19 -16.53
N GLY A 251 10.67 14.34 -17.00
CA GLY A 251 10.67 12.93 -16.65
C GLY A 251 11.63 12.17 -17.54
N ARG A 252 12.84 11.97 -17.08
CA ARG A 252 13.85 11.32 -17.88
C ARG A 252 14.79 10.48 -17.02
N LEU A 253 14.59 10.48 -15.71
CA LEU A 253 15.25 9.53 -14.82
C LEU A 253 14.27 9.11 -13.74
N LEU A 254 12.99 9.43 -13.91
CA LEU A 254 12.01 9.22 -12.87
C LEU A 254 11.66 7.75 -12.71
N TYR A 255 11.66 6.99 -13.80
CA TYR A 255 11.41 5.56 -13.75
C TYR A 255 12.35 4.87 -12.77
N ALA A 256 13.66 5.01 -12.98
CA ALA A 256 14.63 4.35 -12.10
C ALA A 256 14.42 4.75 -10.65
N LYS A 257 14.26 6.06 -10.39
CA LYS A 257 13.94 6.51 -9.03
C LYS A 257 12.72 5.81 -8.49
N MET A 258 11.68 5.66 -9.30
CA MET A 258 10.48 4.98 -8.82
C MET A 258 10.77 3.53 -8.50
N ILE A 259 11.46 2.83 -9.42
CA ILE A 259 11.81 1.43 -9.17
C ILE A 259 12.69 1.32 -7.94
N GLN A 260 13.56 2.30 -7.73
CA GLN A 260 14.31 2.38 -6.49
C GLN A 260 13.36 2.37 -5.28
N LYS A 261 12.23 3.08 -5.36
CA LYS A 261 11.30 3.10 -4.24
C LYS A 261 10.69 1.72 -3.98
N LEU A 262 10.51 0.91 -5.03
CA LEU A 262 10.02 -0.45 -4.82
C LEU A 262 10.94 -1.24 -3.91
N ALA A 263 12.25 -1.17 -4.16
CA ALA A 263 13.19 -1.90 -3.31
C ALA A 263 13.22 -1.34 -1.91
N ASP A 264 13.06 -0.02 -1.75
CA ASP A 264 12.91 0.53 -0.42
C ASP A 264 11.77 -0.15 0.33
N LEU A 265 10.64 -0.38 -0.36
CA LEU A 265 9.47 -0.97 0.27
C LEU A 265 9.76 -2.35 0.85
N ARG A 266 10.44 -3.21 0.08
CA ARG A 266 10.79 -4.54 0.56
C ARG A 266 11.57 -4.48 1.85
N SER A 267 12.34 -3.42 2.03
CA SER A 267 13.11 -3.24 3.24
C SER A 267 12.22 -2.81 4.40
N LEU A 268 11.25 -1.94 4.13
CA LEU A 268 10.34 -1.49 5.17
C LEU A 268 9.39 -2.60 5.56
N ASN A 269 8.81 -3.26 4.55
CA ASN A 269 8.05 -4.48 4.72
C ASN A 269 8.68 -5.39 5.75
N GLU A 270 9.95 -5.70 5.53
CA GLU A 270 10.68 -6.60 6.40
C GLU A 270 10.66 -6.12 7.84
N GLU A 271 11.18 -4.92 8.06
CA GLU A 271 11.15 -4.30 9.39
C GLU A 271 9.76 -4.42 10.02
N HIS A 272 8.72 -4.03 9.27
CA HIS A 272 7.38 -4.08 9.84
C HIS A 272 6.97 -5.51 10.17
N SER A 273 7.28 -6.45 9.29
CA SER A 273 6.92 -7.83 9.55
C SER A 273 7.66 -8.35 10.78
N LYS A 274 8.91 -7.95 10.99
CA LYS A 274 9.61 -8.36 12.21
C LYS A 274 8.93 -7.80 13.44
N GLN A 275 8.54 -6.53 13.40
CA GLN A 275 7.95 -5.89 14.57
C GLN A 275 6.54 -6.38 14.82
N TYR A 276 5.79 -6.63 13.74
CA TYR A 276 4.46 -7.21 13.87
C TYR A 276 4.53 -8.56 14.59
N ARG A 277 5.57 -9.35 14.32
CA ARG A 277 5.71 -10.64 14.97
C ARG A 277 5.76 -10.47 16.48
N SER A 278 6.44 -9.43 16.95
CA SER A 278 6.52 -9.23 18.39
C SER A 278 5.17 -8.87 18.98
N LEU A 279 4.40 -8.03 18.30
CA LEU A 279 3.03 -7.77 18.72
C LEU A 279 2.22 -9.06 18.75
N SER A 280 2.02 -9.65 17.57
CA SER A 280 1.10 -10.76 17.42
C SER A 280 1.41 -11.94 18.32
N PHE A 281 2.56 -11.94 18.99
CA PHE A 281 2.96 -13.04 19.86
C PHE A 281 2.68 -12.76 21.32
N GLN A 282 2.30 -11.54 21.67
CA GLN A 282 1.89 -11.19 23.02
C GLN A 282 0.38 -11.02 23.01
N PRO A 283 -0.41 -11.99 23.51
CA PRO A 283 -1.85 -11.97 23.25
C PRO A 283 -2.56 -10.75 23.79
N GLU A 284 -2.01 -10.08 24.80
CA GLU A 284 -2.62 -8.86 25.29
C GLU A 284 -2.51 -7.75 24.26
N HIS A 285 -1.60 -7.88 23.30
CA HIS A 285 -1.55 -6.91 22.22
C HIS A 285 -2.30 -7.42 21.00
N SER A 286 -2.08 -8.68 20.62
CA SER A 286 -2.76 -9.19 19.45
C SER A 286 -4.28 -9.21 19.63
N MET A 287 -4.77 -9.16 20.88
CA MET A 287 -6.20 -9.01 21.08
C MET A 287 -6.72 -7.64 20.64
N GLN A 288 -5.83 -6.67 20.43
CA GLN A 288 -6.25 -5.37 19.95
C GLN A 288 -6.34 -5.28 18.43
N LEU A 289 -5.88 -6.29 17.70
CA LEU A 289 -5.96 -6.22 16.26
C LEU A 289 -7.34 -6.67 15.77
N THR A 290 -7.63 -6.44 14.50
CA THR A 290 -8.87 -6.91 13.92
C THR A 290 -8.64 -8.26 13.26
N PRO A 291 -9.72 -9.02 12.98
CA PRO A 291 -9.54 -10.32 12.33
C PRO A 291 -8.90 -10.24 10.93
N LEU A 292 -9.22 -9.20 10.16
CA LEU A 292 -8.61 -9.03 8.84
C LEU A 292 -7.09 -8.87 8.95
N VAL A 293 -6.64 -7.93 9.78
CA VAL A 293 -5.22 -7.73 10.04
C VAL A 293 -4.54 -9.05 10.41
N LEU A 294 -5.15 -9.83 11.30
CA LEU A 294 -4.52 -11.07 11.75
C LEU A 294 -4.43 -12.10 10.65
N GLU A 295 -5.43 -12.13 9.76
CA GLU A 295 -5.44 -13.09 8.66
C GLU A 295 -4.46 -12.66 7.57
N VAL A 296 -4.41 -11.36 7.27
CA VAL A 296 -3.59 -10.85 6.19
C VAL A 296 -2.11 -10.77 6.60
N PHE A 297 -1.82 -10.23 7.79
CA PHE A 297 -0.43 -10.26 8.23
C PHE A 297 -0.06 -11.53 8.94
N GLY A 298 -0.97 -12.50 9.01
CA GLY A 298 -0.65 -13.78 9.60
C GLY A 298 0.30 -14.56 8.72
N SER A 299 0.56 -15.77 9.14
CA SER A 299 1.46 -16.67 8.41
C SER A 299 0.70 -17.97 8.14
N GLU A 300 -0.21 -17.94 7.18
CA GLU A 300 -0.91 -19.15 6.76
C GLU A 300 -1.05 -19.19 5.24
N ARG B 1 -8.91 -21.23 4.31
CA ARG B 1 -7.87 -20.99 5.30
C ARG B 1 -7.70 -19.49 5.51
N HIS B 2 -8.13 -18.75 4.49
CA HIS B 2 -8.14 -17.30 4.51
C HIS B 2 -9.59 -16.86 4.27
N LYS B 3 -10.43 -17.21 5.24
CA LYS B 3 -11.87 -17.10 5.10
C LYS B 3 -12.29 -15.71 4.66
N ILE B 4 -11.81 -14.70 5.37
CA ILE B 4 -12.20 -13.33 5.07
C ILE B 4 -11.72 -12.92 3.69
N LEU B 5 -10.45 -13.21 3.37
CA LEU B 5 -9.89 -12.78 2.09
C LEU B 5 -10.66 -13.36 0.93
N HIS B 6 -10.96 -14.66 0.98
CA HIS B 6 -11.78 -15.29 -0.05
C HIS B 6 -13.09 -14.54 -0.21
N ARG B 7 -13.74 -14.27 0.92
CA ARG B 7 -15.00 -13.53 0.87
C ARG B 7 -14.82 -12.19 0.19
N LEU B 8 -13.85 -11.41 0.65
CA LEU B 8 -13.62 -10.09 0.06
C LEU B 8 -13.24 -10.17 -1.41
N LEU B 9 -12.47 -11.18 -1.84
CA LEU B 9 -12.19 -11.36 -3.26
C LEU B 9 -13.39 -11.87 -4.04
N GLN B 10 -14.61 -11.72 -3.52
CA GLN B 10 -15.81 -12.30 -4.13
C GLN B 10 -15.65 -13.77 -4.47
#